data_3COY
#
_entry.id   3COY
#
_cell.length_a   48.49
_cell.length_b   71.20
_cell.length_c   81.85
_cell.angle_alpha   90.00
_cell.angle_beta   99.80
_cell.angle_gamma   90.00
#
_symmetry.space_group_name_H-M   'P 1 21 1'
#
loop_
_entity.id
_entity.type
_entity.pdbx_description
1 polymer 'Pantothenate synthetase'
2 non-polymer "5'-O-[(3-methyl-D-valyl)sulfamoyl]adenosine"
3 non-polymer GLYCEROL
4 non-polymer ETHANOL
5 water water
#
_entity_poly.entity_id   1
_entity_poly.type   'polypeptide(L)'
_entity_poly.pdbx_seq_one_letter_code
;AMAIPAFHPGELNVYSAPGDVADVSRALRLTGRRVMLVPTMGALHEGHLALVRAAKRVPGSVVVVSIFVNPMQFGAGGDL
DAYPRTPDDDLAQLRAEGVEIAFTPTTAAMYPDGLRTTVQPGPLAAELEGGPRPTHFAGVLTVVLKLLQIVRPDRVFFGE
KDYQQLVLIRQLVADFNLDVAVVGVPTVREADGLAMSSRNRYLDPAQRAAAVALSAALTAAAHAATAGAQAALDAARAVL
DAAPGVAVDYLELRDIGLGPMPLNGSGRLLVAARLGTTRLLDNIAIEIGTFAGTDRPDGYR
;
_entity_poly.pdbx_strand_id   A,B
#
# COMPACT_ATOMS: atom_id res chain seq x y z
N ILE A 4 -12.28 24.11 -1.62
CA ILE A 4 -11.46 23.52 -0.51
C ILE A 4 -11.85 24.13 0.86
N PRO A 5 -11.31 23.58 1.98
CA PRO A 5 -11.50 24.22 3.27
C PRO A 5 -10.43 25.28 3.60
N ALA A 6 -10.65 26.05 4.66
CA ALA A 6 -9.78 27.16 5.04
C ALA A 6 -8.47 26.69 5.69
N PHE A 7 -7.35 27.30 5.29
CA PHE A 7 -6.09 27.20 6.01
C PHE A 7 -5.60 28.57 6.46
N HIS A 8 -5.45 28.75 7.77
CA HIS A 8 -4.93 30.00 8.34
C HIS A 8 -3.48 29.83 8.72
N PRO A 9 -2.57 30.48 7.97
CA PRO A 9 -1.16 30.31 8.29
C PRO A 9 -0.84 30.80 9.68
N GLY A 10 0.15 30.16 10.30
CA GLY A 10 0.62 30.57 11.64
C GLY A 10 -0.33 30.29 12.80
N GLU A 11 -1.40 29.54 12.51
CA GLU A 11 -2.33 29.06 13.53
C GLU A 11 -2.51 27.54 13.46
N LEU A 12 -3.04 26.94 14.54
CA LEU A 12 -3.42 25.54 14.48
C LEU A 12 -4.75 25.38 13.75
N ASN A 13 -4.69 24.61 12.66
CA ASN A 13 -5.84 24.28 11.83
C ASN A 13 -6.18 22.79 12.02
N VAL A 14 -7.39 22.49 12.49
CA VAL A 14 -7.74 21.10 12.83
C VAL A 14 -8.72 20.57 11.80
N TYR A 15 -8.34 19.51 11.08
CA TYR A 15 -9.28 18.85 10.14
C TYR A 15 -9.59 17.45 10.56
N SER A 16 -10.86 17.08 10.44
CA SER A 16 -11.31 15.74 10.70
C SER A 16 -11.52 14.92 9.41
N ALA A 17 -11.97 15.56 8.35
CA ALA A 17 -12.24 14.86 7.10
C ALA A 17 -10.94 14.58 6.35
N PRO A 18 -10.71 13.31 5.95
CA PRO A 18 -9.51 13.04 5.17
C PRO A 18 -9.44 13.93 3.92
N GLY A 19 -10.60 14.14 3.27
CA GLY A 19 -10.69 14.96 2.07
C GLY A 19 -10.23 16.40 2.30
N ASP A 20 -10.53 16.92 3.50
CA ASP A 20 -10.13 18.29 3.86
C ASP A 20 -8.62 18.44 3.96
N VAL A 21 -7.98 17.54 4.72
CA VAL A 21 -6.56 17.68 4.94
C VAL A 21 -5.80 17.39 3.65
N ALA A 22 -6.35 16.50 2.82
CA ALA A 22 -5.73 16.16 1.56
C ALA A 22 -5.75 17.38 0.59
N ASP A 23 -6.87 18.09 0.56
CA ASP A 23 -7.01 19.27 -0.32
C ASP A 23 -6.07 20.40 0.12
N VAL A 24 -6.01 20.63 1.43
CA VAL A 24 -5.14 21.66 2.04
C VAL A 24 -3.69 21.33 1.87
N SER A 25 -3.36 20.05 2.08
CA SER A 25 -1.99 19.58 1.88
C SER A 25 -1.57 19.77 0.43
N ARG A 26 -2.45 19.38 -0.48
CA ARG A 26 -2.16 19.49 -1.92
C ARG A 26 -1.98 20.95 -2.31
N ALA A 27 -2.93 21.80 -1.92
CA ALA A 27 -2.82 23.24 -2.13
C ALA A 27 -1.49 23.78 -1.59
N LEU A 28 -1.17 23.49 -0.33
CA LEU A 28 0.05 23.97 0.30
C LEU A 28 1.31 23.53 -0.44
N ARG A 29 1.30 22.31 -0.95
CA ARG A 29 2.47 21.81 -1.66
C ARG A 29 2.66 22.53 -3.00
N LEU A 30 1.56 22.92 -3.62
CA LEU A 30 1.63 23.74 -4.83
C LEU A 30 2.29 25.10 -4.55
N THR A 31 2.03 25.68 -3.37
CA THR A 31 2.63 26.96 -2.99
C THR A 31 4.13 26.85 -2.63
N GLY A 32 4.69 25.65 -2.74
CA GLY A 32 6.12 25.46 -2.50
C GLY A 32 6.51 25.15 -1.07
N ARG A 33 5.51 25.05 -0.20
CA ARG A 33 5.76 24.68 1.18
C ARG A 33 5.93 23.16 1.25
N ARG A 34 6.88 22.70 2.07
CA ARG A 34 7.16 21.28 2.18
C ARG A 34 6.34 20.67 3.32
N VAL A 35 5.58 19.62 3.01
CA VAL A 35 4.64 19.06 3.96
C VAL A 35 5.30 17.98 4.83
N MET A 36 5.30 18.23 6.15
CA MET A 36 5.92 17.30 7.10
C MET A 36 4.82 16.54 7.82
N LEU A 37 4.95 15.21 7.93
CA LEU A 37 3.94 14.46 8.68
C LEU A 37 4.48 13.78 9.95
N VAL A 38 3.82 14.03 11.08
CA VAL A 38 4.12 13.37 12.35
C VAL A 38 2.94 12.51 12.80
N PRO A 39 2.94 11.21 12.47
CA PRO A 39 1.86 10.33 12.96
C PRO A 39 1.96 10.10 14.46
N THR A 40 0.87 10.36 15.18
CA THR A 40 0.80 10.02 16.61
C THR A 40 -0.56 9.39 17.02
N MET A 41 -0.58 8.81 18.21
CA MET A 41 -1.85 8.35 18.79
C MET A 41 -2.32 9.33 19.84
N GLY A 42 -1.77 10.53 19.81
CA GLY A 42 -2.05 11.55 20.83
C GLY A 42 -1.41 11.23 22.18
N ALA A 43 -1.94 11.86 23.24
CA ALA A 43 -1.37 11.82 24.58
C ALA A 43 0.10 12.25 24.51
N LEU A 44 0.28 13.43 23.95
CA LEU A 44 1.57 13.93 23.53
C LEU A 44 2.43 14.31 24.72
N HIS A 45 3.69 13.91 24.65
CA HIS A 45 4.67 14.24 25.65
C HIS A 45 5.94 14.67 24.91
N GLU A 46 6.99 15.00 25.66
CA GLU A 46 8.20 15.57 25.08
C GLU A 46 8.83 14.71 24.00
N GLY A 47 8.63 13.39 24.08
CA GLY A 47 9.10 12.48 23.03
C GLY A 47 8.43 12.73 21.69
N HIS A 48 7.10 12.87 21.69
CA HIS A 48 6.39 13.22 20.47
C HIS A 48 6.81 14.59 19.99
N LEU A 49 7.09 15.50 20.93
CA LEU A 49 7.40 16.90 20.53
C LEU A 49 8.77 17.05 19.89
N ALA A 50 9.68 16.13 20.21
CA ALA A 50 10.96 16.02 19.48
C ALA A 50 10.75 15.77 17.99
N LEU A 51 9.77 14.94 17.62
CA LEU A 51 9.50 14.68 16.21
C LEU A 51 8.88 15.92 15.59
N VAL A 52 7.97 16.55 16.33
CA VAL A 52 7.31 17.80 15.89
C VAL A 52 8.37 18.89 15.61
N ARG A 53 9.29 19.06 16.57
CA ARG A 53 10.39 20.03 16.43
C ARG A 53 11.33 19.70 15.29
N ALA A 54 11.65 18.42 15.10
CA ALA A 54 12.44 17.98 13.95
C ALA A 54 11.79 18.37 12.64
N ALA A 55 10.47 18.16 12.55
CA ALA A 55 9.68 18.52 11.37
C ALA A 55 9.69 20.04 11.16
N LYS A 56 9.50 20.78 12.26
CA LYS A 56 9.42 22.25 12.21
C LYS A 56 10.70 22.93 11.72
N ARG A 57 11.85 22.37 12.03
CA ARG A 57 13.11 22.95 11.59
C ARG A 57 13.40 22.76 10.09
N VAL A 58 12.52 22.05 9.37
CA VAL A 58 12.70 21.90 7.92
C VAL A 58 12.23 23.17 7.21
N PRO A 59 13.16 23.88 6.53
CA PRO A 59 12.86 25.17 5.90
C PRO A 59 11.62 25.18 5.00
N GLY A 60 10.71 26.11 5.31
CA GLY A 60 9.45 26.21 4.57
C GLY A 60 8.43 25.12 4.86
N SER A 61 8.66 24.34 5.91
CA SER A 61 7.79 23.23 6.24
C SER A 61 6.44 23.72 6.73
N VAL A 62 5.39 22.98 6.38
CA VAL A 62 4.17 23.03 7.15
C VAL A 62 4.06 21.66 7.84
N VAL A 63 3.78 21.67 9.14
CA VAL A 63 3.77 20.45 9.94
C VAL A 63 2.34 19.95 10.09
N VAL A 64 2.13 18.71 9.68
CA VAL A 64 0.91 17.97 9.91
C VAL A 64 1.16 16.91 10.99
N VAL A 65 0.41 17.00 12.08
CA VAL A 65 0.46 15.99 13.14
C VAL A 65 -0.85 15.26 13.11
N SER A 66 -0.80 13.95 12.88
CA SER A 66 -2.04 13.20 12.91
C SER A 66 -2.25 12.64 14.31
N ILE A 67 -3.49 12.67 14.76
CA ILE A 67 -3.85 12.07 16.04
C ILE A 67 -4.96 11.06 15.77
N PHE A 68 -4.65 9.79 15.94
CA PHE A 68 -5.59 8.71 15.63
C PHE A 68 -5.16 7.45 16.34
N VAL A 69 -6.13 6.81 16.97
CA VAL A 69 -5.91 5.54 17.65
C VAL A 69 -6.58 4.54 16.76
N ASN A 70 -5.75 3.61 16.30
CA ASN A 70 -6.07 2.63 15.30
C ASN A 70 -6.62 1.38 15.99
N PRO A 71 -7.90 1.03 15.75
CA PRO A 71 -8.39 -0.25 16.31
C PRO A 71 -7.80 -1.52 15.65
N MET A 72 -6.95 -1.34 14.63
CA MET A 72 -6.32 -2.47 13.92
C MET A 72 -5.12 -3.04 14.69
N GLN A 73 -4.19 -2.15 15.05
CA GLN A 73 -2.90 -2.54 15.67
C GLN A 73 -2.99 -3.06 17.12
N PHE A 74 -4.21 -3.08 17.66
CA PHE A 74 -4.50 -3.64 18.99
C PHE A 74 -5.16 -5.02 18.87
N GLY A 75 -4.89 -5.90 19.83
CA GLY A 75 -5.44 -7.26 19.81
C GLY A 75 -5.33 -7.96 21.15
N ALA A 82 -8.18 1.20 26.06
CA ALA A 82 -7.04 1.02 26.99
C ALA A 82 -6.01 2.17 26.90
N TYR A 83 -5.81 2.72 25.70
CA TYR A 83 -4.87 3.82 25.47
C TYR A 83 -5.38 5.16 26.03
N PRO A 84 -4.49 5.93 26.73
CA PRO A 84 -4.88 7.23 27.30
C PRO A 84 -5.18 8.31 26.26
N ARG A 85 -6.36 8.92 26.36
CA ARG A 85 -6.75 9.98 25.43
C ARG A 85 -6.88 11.34 26.13
N THR A 86 -6.06 12.32 25.72
CA THR A 86 -6.16 13.69 26.22
C THR A 86 -6.14 14.73 25.09
N PRO A 87 -7.21 14.79 24.25
CA PRO A 87 -7.16 15.58 23.02
C PRO A 87 -7.12 17.13 23.14
N ASP A 88 -7.59 17.69 24.25
CA ASP A 88 -7.52 19.15 24.47
C ASP A 88 -6.10 19.59 24.75
N ASP A 89 -5.45 18.89 25.69
CA ASP A 89 -4.07 19.09 25.98
C ASP A 89 -3.27 18.99 24.67
N ASP A 90 -3.41 17.86 23.96
CA ASP A 90 -2.68 17.64 22.70
C ASP A 90 -2.72 18.87 21.78
N LEU A 91 -3.92 19.36 21.47
CA LEU A 91 -4.06 20.52 20.59
C LEU A 91 -3.40 21.78 21.16
N ALA A 92 -3.49 21.95 22.48
CA ALA A 92 -2.82 23.06 23.16
C ALA A 92 -1.30 22.97 23.00
N GLN A 93 -0.74 21.77 23.17
CA GLN A 93 0.69 21.59 22.96
C GLN A 93 1.10 21.91 21.52
N LEU A 94 0.28 21.44 20.57
CA LEU A 94 0.56 21.66 19.16
C LEU A 94 0.55 23.15 18.82
N ARG A 95 -0.47 23.84 19.33
CA ARG A 95 -0.59 25.29 19.16
C ARG A 95 0.69 25.98 19.69
N ALA A 96 1.14 25.58 20.89
CA ALA A 96 2.37 26.07 21.51
C ALA A 96 3.64 25.81 20.68
N GLU A 97 3.67 24.73 19.92
CA GLU A 97 4.84 24.37 19.09
C GLU A 97 4.86 25.07 17.74
N GLY A 98 3.80 25.82 17.42
CA GLY A 98 3.69 26.49 16.13
C GLY A 98 3.28 25.55 15.00
N VAL A 99 2.68 24.40 15.35
CA VAL A 99 2.16 23.45 14.36
C VAL A 99 0.93 24.05 13.71
N GLU A 100 0.87 24.01 12.38
CA GLU A 100 -0.25 24.60 11.66
C GLU A 100 -1.37 23.64 11.30
N ILE A 101 -1.10 22.33 11.31
CA ILE A 101 -2.15 21.36 11.01
C ILE A 101 -2.19 20.16 11.94
N ALA A 102 -3.37 19.94 12.55
CA ALA A 102 -3.69 18.68 13.21
C ALA A 102 -4.75 17.95 12.39
N PHE A 103 -4.50 16.67 12.15
CA PHE A 103 -5.43 15.81 11.43
C PHE A 103 -6.00 14.80 12.42
N THR A 104 -7.29 14.89 12.67
CA THR A 104 -7.95 14.07 13.71
C THR A 104 -9.14 13.29 13.12
N PRO A 105 -8.87 12.26 12.27
CA PRO A 105 -9.98 11.58 11.60
C PRO A 105 -10.79 10.69 12.54
N THR A 106 -12.05 10.44 12.18
CA THR A 106 -12.88 9.47 12.91
C THR A 106 -12.50 8.05 12.46
N THR A 107 -12.87 7.05 13.25
CA THR A 107 -12.69 5.64 12.87
C THR A 107 -13.51 5.31 11.63
N ALA A 108 -14.73 5.85 11.56
CA ALA A 108 -15.63 5.65 10.41
C ALA A 108 -15.01 6.19 9.13
N ALA A 109 -14.35 7.34 9.22
CA ALA A 109 -13.75 7.96 8.01
C ALA A 109 -12.52 7.17 7.55
N MET A 110 -11.79 6.58 8.50
CA MET A 110 -10.58 5.81 8.15
C MET A 110 -10.88 4.38 7.73
N TYR A 111 -11.96 3.82 8.27
CA TYR A 111 -12.31 2.40 8.08
C TYR A 111 -13.78 2.20 7.70
N PRO A 112 -14.23 2.86 6.60
CA PRO A 112 -15.64 2.78 6.23
C PRO A 112 -16.05 1.38 5.78
N ASP A 113 -15.08 0.56 5.38
CA ASP A 113 -15.34 -0.80 4.91
C ASP A 113 -14.71 -1.84 5.83
N GLY A 114 -14.48 -1.43 7.08
CA GLY A 114 -13.79 -2.29 8.05
C GLY A 114 -12.38 -2.61 7.58
N LEU A 115 -11.93 -3.82 7.87
CA LEU A 115 -10.61 -4.24 7.45
C LEU A 115 -10.79 -5.01 6.17
N ARG A 116 -10.56 -4.34 5.06
CA ARG A 116 -10.69 -4.97 3.73
C ARG A 116 -9.29 -5.17 3.09
N THR A 117 -8.85 -4.26 2.22
CA THR A 117 -7.46 -4.26 1.73
C THR A 117 -6.55 -3.80 2.89
N THR A 118 -5.47 -4.54 3.11
CA THR A 118 -4.51 -4.20 4.16
C THR A 118 -3.08 -4.43 3.72
N VAL A 119 -2.14 -3.95 4.51
CA VAL A 119 -0.73 -4.17 4.20
C VAL A 119 -0.28 -5.43 4.93
N GLN A 120 0.39 -6.34 4.21
CA GLN A 120 1.02 -7.50 4.82
C GLN A 120 2.53 -7.22 4.97
N PRO A 121 3.03 -6.99 6.21
CA PRO A 121 4.46 -6.65 6.36
C PRO A 121 5.34 -7.86 6.03
N GLY A 122 6.65 -7.68 5.86
CA GLY A 122 7.56 -8.82 5.71
C GLY A 122 7.75 -9.58 7.03
N PRO A 123 8.59 -10.65 7.01
CA PRO A 123 8.78 -11.48 8.23
C PRO A 123 9.29 -10.77 9.49
N LEU A 124 9.94 -9.61 9.35
CA LEU A 124 10.39 -8.89 10.55
C LEU A 124 9.21 -8.62 11.50
N ALA A 125 8.02 -8.50 10.95
CA ALA A 125 6.84 -8.15 11.76
C ALA A 125 6.35 -9.30 12.65
N ALA A 126 6.84 -10.51 12.36
CA ALA A 126 6.54 -11.70 13.17
C ALA A 126 7.48 -11.83 14.38
N GLU A 127 8.43 -10.90 14.50
CA GLU A 127 9.49 -10.99 15.51
C GLU A 127 9.44 -9.89 16.53
N LEU A 128 10.23 -10.04 17.59
CA LEU A 128 10.32 -9.05 18.68
C LEU A 128 8.93 -8.64 19.15
N GLU A 129 8.55 -7.37 18.95
CA GLU A 129 7.22 -6.93 19.38
C GLU A 129 6.09 -7.76 18.75
N GLY A 130 6.34 -8.35 17.58
CA GLY A 130 5.30 -9.03 16.84
C GLY A 130 5.11 -10.48 17.25
N GLY A 131 6.07 -11.02 18.00
CA GLY A 131 6.01 -12.42 18.44
C GLY A 131 4.70 -12.75 19.15
N PRO A 132 4.41 -12.04 20.25
CA PRO A 132 3.12 -12.08 20.94
C PRO A 132 1.95 -11.40 20.21
N ARG A 133 2.23 -10.55 19.23
CA ARG A 133 1.17 -9.73 18.59
C ARG A 133 1.33 -9.78 17.09
N PRO A 134 0.97 -10.92 16.49
CA PRO A 134 1.33 -11.22 15.10
C PRO A 134 0.62 -10.36 14.03
N THR A 135 -0.41 -9.62 14.43
CA THR A 135 -1.12 -8.71 13.54
C THR A 135 -0.84 -7.22 13.83
N HIS A 136 -0.03 -6.94 14.86
CA HIS A 136 0.24 -5.56 15.28
C HIS A 136 0.80 -4.68 14.16
N PHE A 137 1.87 -5.16 13.50
CA PHE A 137 2.54 -4.30 12.53
C PHE A 137 1.75 -4.13 11.23
N ALA A 138 0.94 -5.15 10.89
CA ALA A 138 0.00 -5.05 9.78
C ALA A 138 -0.92 -3.84 9.99
N GLY A 139 -1.39 -3.67 11.21
CA GLY A 139 -2.19 -2.50 11.62
C GLY A 139 -1.46 -1.19 11.47
N VAL A 140 -0.23 -1.16 11.95
CA VAL A 140 0.61 0.02 11.86
C VAL A 140 0.87 0.40 10.41
N LEU A 141 1.35 -0.56 9.61
CA LEU A 141 1.74 -0.23 8.22
C LEU A 141 0.51 0.15 7.40
N THR A 142 -0.61 -0.47 7.70
CA THR A 142 -1.86 -0.17 7.02
C THR A 142 -2.26 1.29 7.34
N VAL A 143 -2.34 1.66 8.62
CA VAL A 143 -2.74 3.03 8.94
C VAL A 143 -1.71 4.06 8.43
N VAL A 144 -0.42 3.73 8.47
CA VAL A 144 0.59 4.71 8.07
C VAL A 144 0.53 4.91 6.56
N LEU A 145 0.35 3.83 5.82
CA LEU A 145 0.17 3.94 4.37
C LEU A 145 -1.02 4.85 4.03
N LYS A 146 -2.16 4.64 4.69
CA LYS A 146 -3.33 5.50 4.48
C LYS A 146 -3.01 6.96 4.75
N LEU A 147 -2.37 7.24 5.89
CA LEU A 147 -1.96 8.61 6.27
C LEU A 147 -1.02 9.25 5.23
N LEU A 148 -0.06 8.45 4.74
CA LEU A 148 0.88 8.91 3.70
C LEU A 148 0.16 9.26 2.39
N GLN A 149 -0.88 8.50 2.08
CA GLN A 149 -1.67 8.74 0.87
C GLN A 149 -2.61 9.92 1.01
N ILE A 150 -3.20 10.10 2.19
CA ILE A 150 -4.11 11.24 2.45
C ILE A 150 -3.29 12.53 2.44
N VAL A 151 -2.20 12.55 3.19
CA VAL A 151 -1.44 13.77 3.45
C VAL A 151 -0.40 14.04 2.37
N ARG A 152 0.11 12.97 1.73
CA ARG A 152 1.25 13.08 0.79
C ARG A 152 2.39 13.99 1.26
N PRO A 153 3.02 13.68 2.40
CA PRO A 153 4.11 14.53 2.85
C PRO A 153 5.42 14.28 2.09
N ASP A 154 6.32 15.25 2.16
CA ASP A 154 7.67 15.10 1.64
C ASP A 154 8.49 14.24 2.57
N ARG A 155 8.23 14.36 3.87
CA ARG A 155 8.97 13.61 4.88
C ARG A 155 8.03 13.19 5.98
N VAL A 156 8.30 12.02 6.55
CA VAL A 156 7.47 11.49 7.65
C VAL A 156 8.40 11.12 8.80
N PHE A 157 8.03 11.52 10.00
CA PHE A 157 8.89 11.41 11.18
C PHE A 157 8.49 10.29 12.14
N PHE A 158 9.46 9.46 12.52
CA PHE A 158 9.25 8.38 13.50
C PHE A 158 10.33 8.34 14.57
N GLY A 159 9.97 8.02 15.82
CA GLY A 159 10.98 7.97 16.90
C GLY A 159 11.77 6.69 16.89
N GLU A 160 13.07 6.73 17.20
CA GLU A 160 13.85 5.50 17.38
C GLU A 160 13.39 4.69 18.60
N LYS A 161 12.58 5.31 19.43
CA LYS A 161 11.92 4.71 20.58
C LYS A 161 11.23 3.41 20.13
N ASP A 162 10.49 3.50 19.03
CA ASP A 162 9.86 2.33 18.46
C ASP A 162 10.68 1.91 17.25
N TYR A 163 11.83 1.31 17.52
CA TYR A 163 12.82 1.10 16.48
C TYR A 163 12.34 0.11 15.43
N GLN A 164 11.75 -0.98 15.87
CA GLN A 164 11.22 -1.97 14.93
C GLN A 164 10.12 -1.39 13.99
N GLN A 165 9.25 -0.58 14.57
CA GLN A 165 8.27 0.18 13.80
C GLN A 165 8.95 1.06 12.74
N LEU A 166 9.98 1.81 13.16
CA LEU A 166 10.76 2.64 12.24
C LEU A 166 11.36 1.83 11.11
N VAL A 167 11.99 0.71 11.44
CA VAL A 167 12.58 -0.16 10.42
C VAL A 167 11.48 -0.62 9.45
N LEU A 168 10.35 -1.04 10.00
CA LEU A 168 9.24 -1.55 9.17
C LEU A 168 8.62 -0.49 8.28
N ILE A 169 8.62 0.76 8.75
CA ILE A 169 8.17 1.86 7.92
C ILE A 169 9.14 2.08 6.77
N ARG A 170 10.43 1.94 7.04
CA ARG A 170 11.43 2.02 5.97
C ARG A 170 11.21 0.95 4.90
N GLN A 171 10.88 -0.27 5.31
CA GLN A 171 10.56 -1.32 4.35
C GLN A 171 9.29 -1.01 3.56
N LEU A 172 8.28 -0.49 4.23
CA LEU A 172 7.02 -0.15 3.57
C LEU A 172 7.29 0.85 2.42
N VAL A 173 8.00 1.92 2.76
CA VAL A 173 8.33 3.03 1.86
C VAL A 173 9.18 2.51 0.70
N ALA A 174 10.22 1.74 1.01
CA ALA A 174 11.04 1.11 -0.06
C ALA A 174 10.23 0.16 -0.94
N ASP A 175 9.48 -0.73 -0.33
CA ASP A 175 8.81 -1.82 -1.07
C ASP A 175 7.63 -1.36 -1.90
N PHE A 176 6.96 -0.28 -1.47
CA PHE A 176 5.84 0.25 -2.26
C PHE A 176 6.21 1.49 -3.09
N ASN A 177 7.50 1.82 -3.11
CA ASN A 177 8.04 2.92 -3.92
C ASN A 177 7.43 4.21 -3.53
N LEU A 178 7.22 4.39 -2.22
CA LEU A 178 6.52 5.59 -1.75
C LEU A 178 7.47 6.77 -1.83
N ASP A 179 6.94 7.90 -2.29
CA ASP A 179 7.72 9.10 -2.53
C ASP A 179 7.76 10.01 -1.28
N VAL A 180 8.48 9.55 -0.26
CA VAL A 180 8.52 10.21 1.05
C VAL A 180 9.85 9.81 1.65
N ALA A 181 10.50 10.75 2.35
CA ALA A 181 11.68 10.45 3.15
C ALA A 181 11.23 10.10 4.57
N VAL A 182 11.74 8.98 5.09
CA VAL A 182 11.51 8.63 6.48
C VAL A 182 12.67 9.16 7.32
N VAL A 183 12.32 9.91 8.37
CA VAL A 183 13.31 10.54 9.27
C VAL A 183 13.12 9.91 10.65
N GLY A 184 14.15 9.19 11.11
CA GLY A 184 14.16 8.69 12.49
C GLY A 184 14.62 9.78 13.44
N VAL A 185 13.98 9.86 14.60
CA VAL A 185 14.31 10.89 15.57
C VAL A 185 14.81 10.18 16.83
N PRO A 186 15.97 10.62 17.40
CA PRO A 186 16.50 10.01 18.62
C PRO A 186 15.49 9.98 19.78
N THR A 187 15.59 8.92 20.61
CA THR A 187 14.71 8.69 21.77
C THR A 187 14.88 9.79 22.82
N VAL A 188 13.78 10.42 23.21
CA VAL A 188 13.84 11.43 24.27
C VAL A 188 13.72 10.71 25.59
N ARG A 189 14.62 11.05 26.53
CA ARG A 189 14.71 10.36 27.83
C ARG A 189 14.49 11.31 29.02
N GLU A 190 13.96 10.77 30.11
CA GLU A 190 13.93 11.46 31.39
C GLU A 190 15.38 11.69 31.87
N ALA A 191 15.57 12.47 32.94
CA ALA A 191 16.91 12.89 33.41
C ALA A 191 17.81 11.71 33.82
N ASP A 192 17.20 10.65 34.34
CA ASP A 192 17.95 9.45 34.69
C ASP A 192 18.13 8.44 33.53
N GLY A 193 17.59 8.75 32.34
CA GLY A 193 17.72 7.84 31.19
C GLY A 193 16.47 7.07 30.78
N LEU A 194 15.44 7.06 31.64
CA LEU A 194 14.20 6.36 31.29
C LEU A 194 13.60 6.88 29.99
N ALA A 195 13.36 5.99 29.02
CA ALA A 195 12.77 6.41 27.73
C ALA A 195 11.36 6.92 27.98
N MET A 196 11.08 8.15 27.57
CA MET A 196 9.76 8.73 27.73
C MET A 196 8.69 7.96 26.94
N SER A 197 7.65 7.57 27.67
CA SER A 197 6.53 6.84 27.10
C SER A 197 5.32 7.21 27.94
N SER A 198 4.14 7.21 27.30
CA SER A 198 2.88 7.39 28.01
C SER A 198 2.67 6.24 28.99
N ARG A 199 3.01 5.02 28.58
CA ARG A 199 2.92 3.83 29.44
C ARG A 199 3.67 3.97 30.77
N ASN A 200 4.61 4.92 30.85
CA ASN A 200 5.32 5.19 32.10
C ASN A 200 4.38 5.58 33.22
N ARG A 201 3.31 6.31 32.89
CA ARG A 201 2.42 6.85 33.93
C ARG A 201 1.79 5.69 34.72
N TYR A 202 1.72 4.52 34.08
CA TYR A 202 1.19 3.29 34.67
C TYR A 202 2.17 2.67 35.70
N LEU A 203 3.27 3.36 36.00
CA LEU A 203 4.29 2.90 36.96
C LEU A 203 4.23 3.66 38.27
N ASP A 204 4.12 2.93 39.38
CA ASP A 204 4.20 3.51 40.72
C ASP A 204 5.66 3.83 41.08
N PRO A 205 5.90 4.59 42.18
CA PRO A 205 7.22 5.12 42.54
C PRO A 205 8.35 4.10 42.71
N ALA A 206 7.98 2.85 43.01
CA ALA A 206 8.93 1.75 43.12
C ALA A 206 9.33 1.27 41.75
N GLN A 207 8.32 0.91 40.94
CA GLN A 207 8.48 0.49 39.55
C GLN A 207 9.20 1.56 38.74
N ARG A 208 8.83 2.82 38.94
CA ARG A 208 9.48 3.92 38.26
C ARG A 208 10.99 3.94 38.58
N ALA A 209 11.32 3.70 39.85
CA ALA A 209 12.72 3.65 40.29
C ALA A 209 13.48 2.45 39.73
N ALA A 210 12.79 1.32 39.62
CA ALA A 210 13.36 0.10 39.02
C ALA A 210 13.53 0.21 37.50
N ALA A 211 12.77 1.13 36.89
CA ALA A 211 12.64 1.25 35.43
C ALA A 211 13.90 1.82 34.78
N VAL A 212 14.72 2.47 35.60
CA VAL A 212 15.98 3.03 35.15
C VAL A 212 16.89 1.92 34.65
N ALA A 213 16.57 0.70 35.02
CA ALA A 213 17.42 -0.45 34.72
C ALA A 213 17.51 -0.67 33.23
N LEU A 214 16.45 -0.36 32.48
CA LEU A 214 16.44 -0.64 31.05
C LEU A 214 17.54 0.17 30.35
N SER A 215 17.52 1.49 30.51
CA SER A 215 18.48 2.38 29.89
C SER A 215 19.88 2.20 30.47
N ALA A 216 19.97 1.96 31.78
CA ALA A 216 21.26 1.66 32.40
C ALA A 216 21.89 0.42 31.80
N ALA A 217 21.07 -0.61 31.60
CA ALA A 217 21.58 -1.87 31.07
C ALA A 217 22.05 -1.64 29.63
N LEU A 218 21.24 -0.91 28.85
CA LEU A 218 21.58 -0.65 27.44
C LEU A 218 22.81 0.18 27.29
N THR A 219 22.91 1.26 28.07
CA THR A 219 24.07 2.13 28.02
C THR A 219 25.32 1.42 28.56
N ALA A 220 25.13 0.55 29.54
CA ALA A 220 26.26 -0.25 30.00
C ALA A 220 26.79 -1.17 28.86
N ALA A 221 25.87 -1.88 28.22
CA ALA A 221 26.16 -2.68 27.05
C ALA A 221 26.91 -1.88 25.96
N ALA A 222 26.48 -0.66 25.70
CA ALA A 222 27.04 0.11 24.60
C ALA A 222 28.50 0.40 24.85
N HIS A 223 28.88 0.57 26.14
CA HIS A 223 30.28 0.82 26.55
C HIS A 223 31.14 -0.45 26.74
N ALA A 224 30.52 -1.51 27.23
CA ALA A 224 31.11 -2.85 27.30
C ALA A 224 31.48 -3.40 25.91
N ALA A 225 30.79 -2.90 24.90
CA ALA A 225 30.83 -3.52 23.56
C ALA A 225 32.24 -3.46 22.95
N THR A 226 33.13 -2.62 23.48
CA THR A 226 34.53 -2.63 23.02
C THR A 226 35.13 -4.02 23.19
N ALA A 227 34.62 -4.75 24.18
CA ALA A 227 35.07 -6.07 24.51
C ALA A 227 34.31 -7.18 23.77
N GLY A 228 33.37 -6.79 22.91
CA GLY A 228 32.67 -7.74 22.04
C GLY A 228 31.20 -7.86 22.38
N ALA A 229 30.47 -8.61 21.56
CA ALA A 229 29.03 -8.78 21.68
C ALA A 229 28.62 -9.54 22.93
N GLN A 230 29.38 -10.59 23.28
CA GLN A 230 29.09 -11.36 24.49
C GLN A 230 29.21 -10.49 25.76
N ALA A 231 30.28 -9.70 25.86
CA ALA A 231 30.44 -8.78 26.98
C ALA A 231 29.31 -7.75 27.04
N ALA A 232 28.92 -7.23 25.88
CA ALA A 232 27.86 -6.24 25.83
C ALA A 232 26.55 -6.83 26.36
N LEU A 233 26.18 -7.98 25.84
CA LEU A 233 24.96 -8.68 26.27
C LEU A 233 24.97 -9.07 27.75
N ASP A 234 26.11 -9.59 28.21
CA ASP A 234 26.26 -9.99 29.61
C ASP A 234 26.17 -8.81 30.57
N ALA A 235 26.72 -7.65 30.21
CA ALA A 235 26.62 -6.43 31.02
C ALA A 235 25.19 -6.00 31.18
N ALA A 236 24.44 -6.00 30.07
CA ALA A 236 23.03 -5.58 30.05
C ALA A 236 22.23 -6.53 30.92
N ARG A 237 22.47 -7.82 30.74
CA ARG A 237 21.73 -8.83 31.50
C ARG A 237 22.00 -8.71 33.00
N ALA A 238 23.25 -8.39 33.37
CA ALA A 238 23.64 -8.30 34.78
C ALA A 238 22.88 -7.16 35.44
N VAL A 239 22.74 -6.05 34.71
CA VAL A 239 22.04 -4.89 35.24
C VAL A 239 20.55 -5.22 35.36
N LEU A 240 20.01 -5.92 34.37
CA LEU A 240 18.58 -6.28 34.43
C LEU A 240 18.31 -7.24 35.61
N ASP A 241 19.17 -8.25 35.76
CA ASP A 241 19.21 -9.13 36.94
C ASP A 241 19.33 -8.44 38.32
N ALA A 242 20.03 -7.31 38.42
CA ALA A 242 20.13 -6.56 39.67
C ALA A 242 18.87 -5.75 39.98
N ALA A 243 17.96 -5.68 39.02
CA ALA A 243 16.83 -4.74 39.08
C ALA A 243 15.60 -5.38 39.70
N PRO A 244 15.08 -4.77 40.79
CA PRO A 244 14.02 -5.35 41.59
C PRO A 244 12.72 -5.35 40.81
N GLY A 245 12.16 -6.53 40.56
CA GLY A 245 10.85 -6.62 39.93
C GLY A 245 10.80 -6.14 38.49
N VAL A 246 11.88 -6.38 37.76
CA VAL A 246 11.90 -6.19 36.31
C VAL A 246 11.89 -7.60 35.72
N ALA A 247 10.87 -7.91 34.92
CA ALA A 247 10.80 -9.20 34.23
C ALA A 247 11.05 -9.00 32.74
N VAL A 248 12.07 -9.68 32.22
CA VAL A 248 12.51 -9.48 30.83
C VAL A 248 11.79 -10.39 29.85
N ASP A 249 11.17 -9.77 28.83
CA ASP A 249 10.59 -10.50 27.71
C ASP A 249 11.64 -10.86 26.67
N TYR A 250 12.37 -9.88 26.17
CA TYR A 250 13.52 -10.16 25.30
C TYR A 250 14.63 -9.15 25.51
N LEU A 251 15.85 -9.56 25.18
CA LEU A 251 16.99 -8.69 25.15
C LEU A 251 17.82 -9.19 24.00
N GLU A 252 17.81 -8.43 22.90
CA GLU A 252 18.36 -8.94 21.65
C GLU A 252 19.27 -7.97 20.95
N LEU A 253 20.33 -8.51 20.40
CA LEU A 253 21.30 -7.74 19.68
C LEU A 253 21.15 -8.05 18.20
N ARG A 254 20.83 -7.03 17.42
CA ARG A 254 20.63 -7.25 15.99
C ARG A 254 21.43 -6.25 15.18
N ASP A 255 21.47 -6.50 13.88
CA ASP A 255 21.99 -5.54 12.92
C ASP A 255 21.05 -4.31 12.85
N ILE A 256 21.48 -3.21 12.23
CA ILE A 256 20.67 -2.00 12.32
C ILE A 256 19.34 -2.05 11.55
N GLY A 257 19.22 -2.99 10.60
CA GLY A 257 17.97 -3.20 9.89
C GLY A 257 17.21 -4.36 10.50
N LEU A 258 17.68 -4.79 11.67
CA LEU A 258 17.05 -5.81 12.51
C LEU A 258 17.14 -7.23 11.96
N GLY A 259 18.09 -7.41 11.04
CA GLY A 259 18.63 -8.74 10.71
C GLY A 259 19.63 -9.17 11.78
N PRO A 260 20.26 -10.35 11.60
CA PRO A 260 21.13 -10.88 12.66
C PRO A 260 22.43 -10.08 12.91
N MET A 261 22.87 -10.10 14.18
CA MET A 261 24.19 -9.56 14.60
C MET A 261 24.27 -8.01 14.64
N ASN A 264 30.82 -8.76 13.95
CA ASN A 264 31.12 -7.79 15.00
C ASN A 264 31.00 -6.35 14.52
N GLY A 265 29.98 -6.03 13.72
CA GLY A 265 29.90 -4.69 13.13
C GLY A 265 29.30 -3.63 14.04
N SER A 266 28.30 -2.95 13.49
CA SER A 266 27.51 -2.01 14.23
C SER A 266 26.07 -2.55 14.29
N GLY A 267 25.34 -2.17 15.32
CA GLY A 267 24.08 -2.84 15.61
C GLY A 267 23.13 -2.12 16.54
N ARG A 268 22.08 -2.83 16.93
CA ARG A 268 21.08 -2.24 17.80
C ARG A 268 20.78 -3.24 18.87
N LEU A 269 20.83 -2.80 20.12
CA LEU A 269 20.39 -3.66 21.23
C LEU A 269 18.99 -3.28 21.68
N LEU A 270 18.08 -4.26 21.73
CA LEU A 270 16.67 -3.96 22.05
C LEU A 270 16.21 -4.72 23.29
N VAL A 271 15.44 -4.06 24.12
CA VAL A 271 14.91 -4.70 25.31
C VAL A 271 13.42 -4.41 25.43
N ALA A 272 12.68 -5.40 25.92
CA ALA A 272 11.31 -5.20 26.39
C ALA A 272 11.19 -5.84 27.78
N ALA A 273 10.64 -5.10 28.74
CA ALA A 273 10.48 -5.65 30.10
C ALA A 273 9.16 -5.26 30.76
N ARG A 274 8.73 -6.06 31.73
CA ARG A 274 7.47 -5.77 32.46
C ARG A 274 7.75 -5.29 33.90
N LEU A 275 7.12 -4.20 34.27
CA LEU A 275 7.10 -3.73 35.65
C LEU A 275 5.67 -3.73 36.17
N GLY A 276 5.28 -4.82 36.84
CA GLY A 276 3.89 -5.05 37.18
C GLY A 276 3.17 -5.42 35.90
N THR A 277 2.18 -4.62 35.54
CA THR A 277 1.43 -4.82 34.29
C THR A 277 2.00 -4.02 33.11
N THR A 278 2.84 -3.03 33.42
CA THR A 278 3.43 -2.13 32.43
C THR A 278 4.62 -2.69 31.65
N ARG A 279 4.40 -2.88 30.34
CA ARG A 279 5.46 -3.31 29.43
C ARG A 279 6.24 -2.10 28.90
N LEU A 280 7.54 -2.08 29.17
CA LEU A 280 8.42 -1.01 28.69
C LEU A 280 9.40 -1.49 27.63
N LEU A 281 9.71 -0.62 26.68
CA LEU A 281 10.68 -0.95 25.63
C LEU A 281 11.80 0.05 25.67
N ASP A 282 12.98 -0.40 25.25
CA ASP A 282 14.09 0.52 25.02
C ASP A 282 15.04 -0.10 24.00
N ASN A 283 15.85 0.73 23.38
CA ASN A 283 16.87 0.26 22.46
C ASN A 283 17.97 1.28 22.35
N ILE A 284 19.11 0.82 21.85
CA ILE A 284 20.24 1.70 21.76
C ILE A 284 21.12 1.22 20.61
N ALA A 285 21.79 2.17 19.97
CA ALA A 285 22.87 1.90 19.03
C ALA A 285 24.01 1.24 19.75
N ILE A 286 24.56 0.21 19.13
CA ILE A 286 25.70 -0.53 19.65
C ILE A 286 26.78 -0.60 18.54
N GLU A 287 28.04 -0.40 18.93
CA GLU A 287 29.19 -0.62 18.03
C GLU A 287 30.09 -1.68 18.66
N ILE A 288 30.28 -2.79 17.96
CA ILE A 288 31.09 -3.87 18.52
C ILE A 288 32.57 -3.63 18.19
N GLY A 289 33.41 -3.63 19.22
CA GLY A 289 34.85 -3.34 19.10
C GLY A 289 35.25 -1.89 18.82
N THR A 290 34.34 -0.95 19.09
CA THR A 290 34.51 0.46 18.74
C THR A 290 34.39 1.36 19.97
N PHE A 291 35.48 2.05 20.30
CA PHE A 291 35.56 2.93 21.47
C PHE A 291 34.95 4.29 21.17
N ALA B 3 18.73 16.37 -12.02
CA ALA B 3 18.56 16.48 -13.50
C ALA B 3 17.57 15.44 -14.05
N ILE B 4 16.40 15.92 -14.48
CA ILE B 4 15.35 15.10 -15.08
C ILE B 4 15.87 14.41 -16.37
N PRO B 5 15.53 13.11 -16.57
CA PRO B 5 15.91 12.44 -17.82
C PRO B 5 15.34 13.12 -19.08
N ALA B 6 15.98 12.89 -20.22
CA ALA B 6 15.52 13.43 -21.50
C ALA B 6 14.10 12.95 -21.82
N PHE B 7 13.26 13.88 -22.23
CA PHE B 7 11.92 13.55 -22.70
C PHE B 7 11.69 14.26 -24.02
N HIS B 8 11.46 13.47 -25.07
CA HIS B 8 11.21 13.99 -26.42
C HIS B 8 9.72 13.93 -26.74
N PRO B 9 9.02 15.09 -26.69
CA PRO B 9 7.58 15.11 -26.93
C PRO B 9 7.20 14.60 -28.32
N GLY B 10 6.09 13.88 -28.40
CA GLY B 10 5.63 13.29 -29.66
C GLY B 10 6.41 12.07 -30.11
N GLU B 11 7.40 11.66 -29.32
CA GLU B 11 8.15 10.45 -29.60
C GLU B 11 7.85 9.42 -28.50
N LEU B 12 8.05 8.14 -28.82
CA LEU B 12 8.04 7.10 -27.80
C LEU B 12 9.35 7.11 -27.01
N ASN B 13 9.23 7.45 -25.73
CA ASN B 13 10.36 7.48 -24.83
C ASN B 13 10.27 6.24 -23.95
N VAL B 14 11.32 5.42 -23.96
CA VAL B 14 11.31 4.20 -23.17
C VAL B 14 12.23 4.34 -21.97
N TYR B 15 11.67 4.12 -20.77
CA TYR B 15 12.44 4.10 -19.53
C TYR B 15 12.31 2.76 -18.85
N SER B 16 13.42 2.23 -18.34
CA SER B 16 13.38 0.99 -17.56
C SER B 16 13.60 1.24 -16.07
N ALA B 17 14.14 2.41 -15.72
CA ALA B 17 14.45 2.74 -14.33
C ALA B 17 13.26 3.41 -13.66
N PRO B 18 12.72 2.81 -12.58
CA PRO B 18 11.61 3.43 -11.87
C PRO B 18 11.85 4.91 -11.56
N GLY B 19 13.03 5.29 -11.05
CA GLY B 19 13.32 6.70 -10.72
C GLY B 19 13.22 7.61 -11.92
N ASP B 20 13.62 7.10 -13.09
CA ASP B 20 13.52 7.85 -14.34
C ASP B 20 12.09 8.17 -14.78
N VAL B 21 11.25 7.13 -14.82
CA VAL B 21 9.87 7.35 -15.19
C VAL B 21 9.20 8.23 -14.14
N ALA B 22 9.55 8.03 -12.86
CA ALA B 22 9.04 8.87 -11.77
C ALA B 22 9.42 10.37 -11.92
N ASP B 23 10.68 10.61 -12.26
CA ASP B 23 11.19 11.98 -12.51
C ASP B 23 10.51 12.66 -13.69
N VAL B 24 10.34 11.90 -14.78
CA VAL B 24 9.75 12.42 -16.00
C VAL B 24 8.26 12.72 -15.83
N SER B 25 7.57 11.83 -15.14
CA SER B 25 6.14 11.98 -14.89
C SER B 25 5.90 13.25 -14.03
N ARG B 26 6.65 13.37 -12.94
CA ARG B 26 6.57 14.53 -12.07
C ARG B 26 6.80 15.84 -12.85
N ALA B 27 7.91 15.89 -13.61
CA ALA B 27 8.23 17.05 -14.46
C ALA B 27 7.09 17.37 -15.43
N LEU B 28 6.57 16.35 -16.11
CA LEU B 28 5.47 16.55 -17.05
C LEU B 28 4.22 17.06 -16.37
N ARG B 29 3.88 16.48 -15.22
CA ARG B 29 2.70 16.95 -14.48
C ARG B 29 2.80 18.46 -14.15
N LEU B 30 4.01 18.90 -13.75
CA LEU B 30 4.26 20.32 -13.44
C LEU B 30 4.11 21.25 -14.63
N THR B 31 4.21 20.70 -15.84
CA THR B 31 4.07 21.47 -17.08
C THR B 31 2.64 21.48 -17.63
N GLY B 32 1.69 21.01 -16.82
CA GLY B 32 0.28 20.98 -17.24
C GLY B 32 -0.11 19.80 -18.13
N ARG B 33 0.50 18.64 -17.91
CA ARG B 33 0.07 17.44 -18.60
C ARG B 33 -0.69 16.56 -17.61
N ARG B 34 -1.69 15.83 -18.08
CA ARG B 34 -2.38 14.89 -17.22
C ARG B 34 -1.82 13.50 -17.51
N VAL B 35 -1.20 12.89 -16.50
CA VAL B 35 -0.53 11.60 -16.65
C VAL B 35 -1.51 10.41 -16.55
N MET B 36 -1.56 9.59 -17.61
CA MET B 36 -2.48 8.50 -17.70
C MET B 36 -1.62 7.24 -17.66
N LEU B 37 -2.01 6.28 -16.82
CA LEU B 37 -1.24 5.04 -16.72
C LEU B 37 -2.01 3.86 -17.25
N VAL B 38 -1.40 3.11 -18.17
CA VAL B 38 -2.01 1.91 -18.73
C VAL B 38 -1.11 0.67 -18.41
N PRO B 39 -1.39 -0.03 -17.30
CA PRO B 39 -0.57 -1.20 -16.98
C PRO B 39 -0.84 -2.43 -17.87
N THR B 40 0.22 -3.01 -18.45
CA THR B 40 0.09 -4.22 -19.27
C THR B 40 1.23 -5.19 -19.01
N MET B 41 1.09 -6.39 -19.54
CA MET B 41 2.18 -7.36 -19.52
C MET B 41 2.82 -7.55 -20.92
N GLY B 42 2.69 -6.54 -21.78
CA GLY B 42 3.21 -6.65 -23.16
C GLY B 42 2.38 -7.62 -24.00
N ALA B 43 2.93 -8.07 -25.14
CA ALA B 43 2.20 -8.89 -26.12
C ALA B 43 0.87 -8.20 -26.47
N LEU B 44 0.98 -6.94 -26.87
CA LEU B 44 -0.20 -6.11 -27.05
C LEU B 44 -1.08 -6.53 -28.23
N HIS B 45 -2.39 -6.53 -27.99
CA HIS B 45 -3.39 -6.70 -29.03
C HIS B 45 -4.41 -5.58 -28.88
N GLU B 46 -5.47 -5.61 -29.69
CA GLU B 46 -6.44 -4.52 -29.75
C GLU B 46 -7.15 -4.27 -28.43
N GLY B 47 -7.26 -5.32 -27.61
CA GLY B 47 -7.90 -5.18 -26.30
C GLY B 47 -7.10 -4.19 -25.46
N HIS B 48 -5.79 -4.41 -25.38
CA HIS B 48 -4.91 -3.46 -24.70
C HIS B 48 -4.98 -2.06 -25.30
N LEU B 49 -4.93 -1.94 -26.64
CA LEU B 49 -4.92 -0.63 -27.30
C LEU B 49 -6.20 0.19 -27.09
N ALA B 50 -7.32 -0.47 -26.86
CA ALA B 50 -8.51 0.27 -26.44
C ALA B 50 -8.23 1.08 -25.16
N LEU B 51 -7.43 0.52 -24.25
CA LEU B 51 -7.07 1.23 -23.01
C LEU B 51 -6.20 2.43 -23.35
N VAL B 52 -5.22 2.20 -24.20
CA VAL B 52 -4.35 3.26 -24.68
C VAL B 52 -5.17 4.38 -25.30
N ARG B 53 -6.10 4.01 -26.20
CA ARG B 53 -6.93 4.98 -26.90
C ARG B 53 -7.81 5.79 -25.94
N ALA B 54 -8.38 5.13 -24.94
CA ALA B 54 -9.15 5.83 -23.92
C ALA B 54 -8.27 6.83 -23.16
N ALA B 55 -7.03 6.45 -22.86
CA ALA B 55 -6.14 7.34 -22.12
C ALA B 55 -5.73 8.52 -22.99
N LYS B 56 -5.52 8.28 -24.28
CA LYS B 56 -5.12 9.34 -25.20
C LYS B 56 -6.18 10.41 -25.36
N ARG B 57 -7.46 10.06 -25.28
CA ARG B 57 -8.47 11.09 -25.53
C ARG B 57 -8.71 12.09 -24.38
N VAL B 58 -8.04 11.90 -23.25
CA VAL B 58 -8.11 12.86 -22.17
C VAL B 58 -7.29 14.12 -22.59
N PRO B 59 -7.94 15.30 -22.64
CA PRO B 59 -7.20 16.50 -23.05
C PRO B 59 -5.99 16.79 -22.16
N GLY B 60 -4.87 17.07 -22.80
CA GLY B 60 -3.61 17.32 -22.12
C GLY B 60 -2.88 16.06 -21.66
N SER B 61 -3.42 14.89 -22.01
CA SER B 61 -2.82 13.61 -21.60
C SER B 61 -1.36 13.42 -22.04
N VAL B 62 -0.57 12.82 -21.18
CA VAL B 62 0.59 12.06 -21.64
C VAL B 62 0.38 10.61 -21.19
N VAL B 63 0.58 9.68 -22.13
CA VAL B 63 0.28 8.27 -21.87
C VAL B 63 1.53 7.50 -21.49
N VAL B 64 1.46 6.87 -20.31
CA VAL B 64 2.48 5.94 -19.84
C VAL B 64 1.89 4.53 -19.89
N VAL B 65 2.51 3.67 -20.69
CA VAL B 65 2.11 2.26 -20.76
C VAL B 65 3.20 1.47 -20.10
N SER B 66 2.88 0.74 -19.03
CA SER B 66 3.91 -0.12 -18.45
C SER B 66 3.83 -1.49 -19.07
N ILE B 67 4.99 -2.13 -19.21
CA ILE B 67 5.08 -3.48 -19.70
C ILE B 67 5.99 -4.17 -18.71
N PHE B 68 5.44 -5.14 -17.99
CA PHE B 68 6.20 -5.85 -16.96
C PHE B 68 5.45 -7.10 -16.61
N VAL B 69 6.16 -8.22 -16.56
CA VAL B 69 5.57 -9.48 -16.07
C VAL B 69 5.91 -9.76 -14.61
N ASN B 70 4.88 -9.71 -13.77
CA ASN B 70 4.94 -9.97 -12.35
C ASN B 70 5.21 -11.46 -12.08
N PRO B 71 6.20 -11.77 -11.22
CA PRO B 71 6.43 -13.16 -10.76
C PRO B 71 5.34 -13.76 -9.84
N MET B 72 4.76 -12.95 -8.95
CA MET B 72 3.84 -13.42 -7.89
C MET B 72 2.37 -13.65 -8.29
N GLN B 73 1.90 -12.95 -9.33
CA GLN B 73 0.55 -13.15 -9.87
C GLN B 73 0.52 -14.28 -10.91
N ALA B 82 4.94 -20.27 -18.39
CA ALA B 82 5.12 -20.10 -19.83
C ALA B 82 4.40 -18.86 -20.34
N TYR B 83 5.17 -17.89 -20.82
CA TYR B 83 4.61 -16.63 -21.33
C TYR B 83 5.47 -16.06 -22.47
N PRO B 84 4.90 -15.99 -23.70
CA PRO B 84 5.59 -15.40 -24.86
C PRO B 84 5.66 -13.86 -24.81
N ARG B 85 6.68 -13.29 -25.47
CA ARG B 85 6.93 -11.84 -25.47
C ARG B 85 7.50 -11.38 -26.82
N THR B 86 7.23 -10.13 -27.18
CA THR B 86 7.86 -9.48 -28.34
C THR B 86 8.09 -7.97 -28.10
N PRO B 87 9.19 -7.60 -27.40
CA PRO B 87 9.48 -6.22 -26.99
C PRO B 87 9.45 -5.21 -28.14
N ASP B 88 10.20 -5.50 -29.21
CA ASP B 88 10.28 -4.61 -30.38
C ASP B 88 8.90 -4.30 -30.98
N ASP B 89 8.09 -5.34 -31.17
CA ASP B 89 6.73 -5.19 -31.74
C ASP B 89 5.75 -4.42 -30.81
N ASP B 90 5.82 -4.69 -29.51
CA ASP B 90 5.02 -3.97 -28.51
C ASP B 90 5.31 -2.47 -28.61
N LEU B 91 6.60 -2.13 -28.61
CA LEU B 91 7.03 -0.74 -28.76
C LEU B 91 6.61 -0.08 -30.10
N ALA B 92 6.66 -0.85 -31.18
CA ALA B 92 6.15 -0.38 -32.49
C ALA B 92 4.64 -0.13 -32.48
N GLN B 93 3.89 -0.98 -31.80
CA GLN B 93 2.44 -0.73 -31.65
C GLN B 93 2.15 0.55 -30.86
N LEU B 94 2.90 0.76 -29.79
CA LEU B 94 2.76 1.94 -28.96
C LEU B 94 3.10 3.23 -29.74
N ARG B 95 4.23 3.21 -30.46
CA ARG B 95 4.59 4.32 -31.37
C ARG B 95 3.45 4.67 -32.32
N ALA B 96 2.87 3.64 -32.93
CA ALA B 96 1.81 3.79 -33.92
C ALA B 96 0.57 4.41 -33.30
N GLU B 97 0.39 4.17 -32.00
CA GLU B 97 -0.71 4.77 -31.24
C GLU B 97 -0.37 6.16 -30.72
N GLY B 98 0.90 6.59 -30.85
CA GLY B 98 1.30 7.93 -30.37
C GLY B 98 1.49 8.03 -28.86
N VAL B 99 1.79 6.90 -28.24
CA VAL B 99 2.10 6.85 -26.82
C VAL B 99 3.49 7.43 -26.63
N GLU B 100 3.65 8.30 -25.63
CA GLU B 100 4.94 8.97 -25.42
C GLU B 100 5.84 8.33 -24.39
N ILE B 101 5.28 7.50 -23.51
CA ILE B 101 6.08 6.81 -22.48
C ILE B 101 5.72 5.34 -22.34
N ALA B 102 6.74 4.50 -22.52
CA ALA B 102 6.68 3.09 -22.18
C ALA B 102 7.60 2.85 -21.00
N PHE B 103 7.08 2.21 -19.95
CA PHE B 103 7.85 1.87 -18.76
C PHE B 103 8.07 0.36 -18.72
N THR B 104 9.33 -0.04 -18.82
CA THR B 104 9.70 -1.45 -19.06
C THR B 104 10.75 -1.88 -18.05
N PRO B 105 10.36 -1.97 -16.76
CA PRO B 105 11.39 -2.28 -15.75
C PRO B 105 11.76 -3.77 -15.72
N THR B 106 12.87 -4.09 -15.06
CA THR B 106 13.28 -5.47 -14.77
C THR B 106 12.65 -5.93 -13.47
N THR B 107 12.68 -7.25 -13.21
CA THR B 107 12.14 -7.78 -11.98
C THR B 107 12.95 -7.29 -10.79
N ALA B 108 14.27 -7.18 -11.00
CA ALA B 108 15.18 -6.73 -9.97
C ALA B 108 14.98 -5.25 -9.65
N ALA B 109 14.58 -4.45 -10.63
CA ALA B 109 14.29 -3.04 -10.39
C ALA B 109 12.98 -2.88 -9.60
N MET B 110 11.97 -3.69 -9.93
CA MET B 110 10.66 -3.67 -9.26
C MET B 110 10.74 -4.32 -7.86
N TYR B 111 11.50 -5.40 -7.74
CA TYR B 111 11.60 -6.12 -6.48
C TYR B 111 13.04 -6.25 -5.97
N PRO B 112 13.72 -5.11 -5.72
CA PRO B 112 15.14 -5.17 -5.34
C PRO B 112 15.39 -5.86 -4.01
N ASP B 113 14.37 -5.95 -3.15
CA ASP B 113 14.53 -6.68 -1.90
C ASP B 113 13.75 -8.00 -1.91
N GLY B 114 13.31 -8.44 -3.09
CA GLY B 114 12.42 -9.58 -3.18
C GLY B 114 11.02 -9.20 -2.71
N LEU B 115 10.22 -10.21 -2.40
CA LEU B 115 8.88 -9.97 -1.88
C LEU B 115 8.92 -9.82 -0.36
N ARG B 116 8.73 -8.58 0.10
CA ARG B 116 8.82 -8.34 1.53
C ARG B 116 7.45 -7.79 1.93
N THR B 117 7.28 -6.47 1.95
CA THR B 117 5.91 -5.90 2.12
C THR B 117 5.04 -6.16 0.90
N THR B 118 3.79 -6.60 1.12
CA THR B 118 2.88 -6.82 0.02
C THR B 118 1.49 -6.38 0.43
N VAL B 119 0.60 -6.31 -0.55
CA VAL B 119 -0.80 -5.95 -0.30
C VAL B 119 -1.57 -7.24 -0.06
N GLN B 120 -2.33 -7.25 1.03
CA GLN B 120 -3.30 -8.26 1.31
C GLN B 120 -4.70 -7.75 0.90
N PRO B 121 -5.28 -8.32 -0.18
CA PRO B 121 -6.61 -7.91 -0.63
C PRO B 121 -7.66 -8.38 0.35
N GLY B 122 -8.86 -7.82 0.25
CA GLY B 122 -9.99 -8.35 1.02
C GLY B 122 -10.47 -9.69 0.49
N PRO B 123 -11.54 -10.24 1.10
CA PRO B 123 -12.01 -11.60 0.80
C PRO B 123 -12.46 -11.85 -0.65
N LEU B 124 -12.80 -10.81 -1.42
CA LEU B 124 -13.16 -11.01 -2.84
C LEU B 124 -12.02 -11.69 -3.60
N ALA B 125 -10.81 -11.46 -3.11
CA ALA B 125 -9.62 -12.07 -3.70
C ALA B 125 -9.59 -13.59 -3.62
N ALA B 126 -10.39 -14.19 -2.74
CA ALA B 126 -10.43 -15.66 -2.61
C ALA B 126 -11.51 -16.30 -3.49
N GLU B 127 -12.35 -15.47 -4.10
CA GLU B 127 -13.49 -15.92 -4.86
C GLU B 127 -13.19 -15.95 -6.35
N LEU B 128 -14.03 -16.67 -7.08
CA LEU B 128 -14.04 -16.64 -8.52
C LEU B 128 -12.64 -16.99 -9.03
N GLU B 129 -11.91 -16.03 -9.60
CA GLU B 129 -10.57 -16.31 -10.14
C GLU B 129 -9.59 -16.70 -9.05
N GLY B 130 -9.88 -16.28 -7.83
CA GLY B 130 -9.06 -16.60 -6.66
C GLY B 130 -9.19 -18.02 -6.14
N GLY B 131 -10.19 -18.75 -6.63
CA GLY B 131 -10.31 -20.18 -6.34
C GLY B 131 -9.10 -20.99 -6.80
N PRO B 132 -8.88 -21.11 -8.13
CA PRO B 132 -7.68 -21.80 -8.62
C PRO B 132 -6.35 -21.11 -8.28
N ARG B 133 -6.35 -19.78 -8.14
CA ARG B 133 -5.12 -19.01 -7.91
C ARG B 133 -5.27 -18.06 -6.73
N PRO B 134 -5.09 -18.56 -5.48
CA PRO B 134 -5.43 -17.80 -4.29
C PRO B 134 -4.46 -16.67 -3.89
N THR B 135 -3.29 -16.61 -4.53
CA THR B 135 -2.32 -15.54 -4.29
C THR B 135 -2.25 -14.59 -5.48
N HIS B 136 -3.04 -14.86 -6.52
CA HIS B 136 -3.01 -14.09 -7.76
C HIS B 136 -3.22 -12.60 -7.51
N PHE B 137 -4.35 -12.27 -6.85
CA PHE B 137 -4.73 -10.88 -6.68
C PHE B 137 -3.83 -10.09 -5.71
N ALA B 138 -3.23 -10.78 -4.73
CA ALA B 138 -2.19 -10.18 -3.88
C ALA B 138 -1.06 -9.67 -4.76
N GLY B 139 -0.60 -10.51 -5.70
CA GLY B 139 0.40 -10.11 -6.68
C GLY B 139 -0.06 -8.95 -7.57
N VAL B 140 -1.27 -9.04 -8.10
CA VAL B 140 -1.84 -7.93 -8.87
C VAL B 140 -1.88 -6.61 -8.08
N LEU B 141 -2.48 -6.59 -6.89
CA LEU B 141 -2.62 -5.33 -6.17
C LEU B 141 -1.28 -4.80 -5.73
N THR B 142 -0.39 -5.70 -5.34
CA THR B 142 0.99 -5.28 -4.99
C THR B 142 1.69 -4.57 -6.13
N VAL B 143 1.67 -5.17 -7.32
CA VAL B 143 2.38 -4.52 -8.44
C VAL B 143 1.68 -3.24 -8.91
N VAL B 144 0.36 -3.21 -8.85
CA VAL B 144 -0.38 -2.03 -9.29
C VAL B 144 -0.11 -0.89 -8.34
N LEU B 145 -0.15 -1.16 -7.03
CA LEU B 145 0.20 -0.15 -6.05
C LEU B 145 1.59 0.45 -6.34
N LYS B 146 2.56 -0.42 -6.57
CA LYS B 146 3.93 -0.01 -6.89
C LYS B 146 3.95 0.88 -8.13
N LEU B 147 3.27 0.48 -9.19
CA LEU B 147 3.24 1.31 -10.41
C LEU B 147 2.54 2.64 -10.19
N LEU B 148 1.47 2.63 -9.39
CA LEU B 148 0.78 3.88 -9.02
C LEU B 148 1.73 4.85 -8.30
N GLN B 149 2.56 4.32 -7.41
CA GLN B 149 3.47 5.19 -6.65
C GLN B 149 4.66 5.72 -7.48
N ILE B 150 5.15 4.90 -8.41
CA ILE B 150 6.24 5.29 -9.34
C ILE B 150 5.79 6.38 -10.32
N VAL B 151 4.68 6.14 -11.00
CA VAL B 151 4.17 7.00 -12.08
C VAL B 151 3.32 8.18 -11.56
N ARG B 152 2.63 8.00 -10.43
N ARG B 152 2.63 7.92 -10.44
CA ARG B 152 1.69 9.02 -9.91
CA ARG B 152 1.65 8.82 -9.84
C ARG B 152 0.78 9.54 -11.03
C ARG B 152 0.77 9.47 -10.92
N PRO B 153 0.00 8.65 -11.65
CA PRO B 153 -0.87 9.09 -12.73
C PRO B 153 -2.12 9.77 -12.17
N ASP B 154 -2.69 10.66 -12.96
CA ASP B 154 -4.01 11.21 -12.66
C ASP B 154 -5.08 10.15 -12.83
N ARG B 155 -4.96 9.35 -13.89
CA ARG B 155 -5.94 8.29 -14.12
C ARG B 155 -5.23 6.96 -14.43
N VAL B 156 -5.85 5.86 -14.02
CA VAL B 156 -5.30 4.52 -14.32
C VAL B 156 -6.39 3.68 -15.01
N PHE B 157 -6.01 2.96 -16.08
CA PHE B 157 -6.96 2.27 -16.96
C PHE B 157 -6.87 0.75 -16.88
N PHE B 158 -8.02 0.11 -16.72
CA PHE B 158 -8.12 -1.35 -16.66
C PHE B 158 -9.26 -1.81 -17.54
N GLY B 159 -9.11 -2.99 -18.14
CA GLY B 159 -10.14 -3.54 -19.02
C GLY B 159 -11.24 -4.19 -18.20
N GLU B 160 -12.49 -4.09 -18.66
CA GLU B 160 -13.60 -4.80 -17.99
C GLU B 160 -13.49 -6.30 -18.22
N LYS B 161 -12.65 -6.68 -19.19
CA LYS B 161 -12.37 -8.09 -19.45
C LYS B 161 -12.00 -8.85 -18.17
N ASP B 162 -11.13 -8.24 -17.36
CA ASP B 162 -10.77 -8.77 -16.05
C ASP B 162 -11.55 -7.96 -15.01
N TYR B 163 -12.85 -8.23 -14.94
CA TYR B 163 -13.78 -7.41 -14.13
C TYR B 163 -13.43 -7.50 -12.63
N GLN B 164 -13.13 -8.71 -12.18
CA GLN B 164 -12.79 -8.95 -10.80
C GLN B 164 -11.53 -8.20 -10.43
N GLN B 165 -10.55 -8.20 -11.34
CA GLN B 165 -9.35 -7.39 -11.16
C GLN B 165 -9.73 -5.91 -11.05
N LEU B 166 -10.62 -5.46 -11.91
CA LEU B 166 -11.01 -4.04 -11.89
C LEU B 166 -11.63 -3.64 -10.53
N VAL B 167 -12.56 -4.45 -10.05
CA VAL B 167 -13.25 -4.22 -8.77
C VAL B 167 -12.23 -4.18 -7.64
N LEU B 168 -11.29 -5.12 -7.64
CA LEU B 168 -10.28 -5.20 -6.59
C LEU B 168 -9.37 -4.00 -6.60
N ILE B 169 -9.02 -3.52 -7.80
CA ILE B 169 -8.27 -2.25 -7.87
C ILE B 169 -9.07 -1.06 -7.35
N ARG B 170 -10.36 -1.01 -7.67
CA ARG B 170 -11.23 0.00 -7.03
C ARG B 170 -11.16 -0.13 -5.51
N GLN B 171 -11.13 -1.36 -5.00
CA GLN B 171 -11.03 -1.55 -3.53
C GLN B 171 -9.70 -1.07 -3.00
N LEU B 172 -8.62 -1.44 -3.69
CA LEU B 172 -7.29 -0.94 -3.33
C LEU B 172 -7.28 0.58 -3.21
N VAL B 173 -7.76 1.24 -4.25
CA VAL B 173 -7.72 2.71 -4.35
C VAL B 173 -8.52 3.37 -3.21
N ALA B 174 -9.74 2.90 -2.98
CA ALA B 174 -10.56 3.41 -1.88
C ALA B 174 -9.93 3.12 -0.49
N ASP B 175 -9.52 1.88 -0.26
CA ASP B 175 -9.03 1.47 1.06
C ASP B 175 -7.69 2.09 1.44
N PHE B 176 -6.81 2.32 0.45
CA PHE B 176 -5.54 2.99 0.75
C PHE B 176 -5.57 4.50 0.51
N ASN B 177 -6.75 5.05 0.19
CA ASN B 177 -6.94 6.52 -0.01
C ASN B 177 -6.06 7.05 -1.13
N LEU B 178 -5.86 6.22 -2.16
CA LEU B 178 -5.03 6.58 -3.30
C LEU B 178 -5.69 7.70 -4.12
N ASP B 179 -4.88 8.66 -4.52
CA ASP B 179 -5.35 9.84 -5.27
C ASP B 179 -5.23 9.62 -6.78
N VAL B 180 -6.05 8.74 -7.32
CA VAL B 180 -6.02 8.37 -8.74
C VAL B 180 -7.44 7.97 -9.06
N ALA B 181 -7.91 8.30 -10.27
CA ALA B 181 -9.16 7.80 -10.77
C ALA B 181 -8.95 6.49 -11.53
N VAL B 182 -9.78 5.50 -11.24
CA VAL B 182 -9.71 4.20 -11.90
C VAL B 182 -10.70 4.25 -13.06
N VAL B 183 -10.23 3.98 -14.29
CA VAL B 183 -11.16 4.00 -15.44
C VAL B 183 -11.23 2.58 -15.99
N GLY B 184 -12.44 2.01 -15.97
CA GLY B 184 -12.70 0.74 -16.58
C GLY B 184 -13.08 0.90 -18.05
N VAL B 185 -12.49 0.05 -18.88
CA VAL B 185 -12.67 0.19 -20.34
C VAL B 185 -13.39 -1.06 -20.87
N PRO B 186 -14.48 -0.87 -21.63
CA PRO B 186 -15.24 -2.03 -22.14
C PRO B 186 -14.38 -3.06 -22.88
N THR B 187 -14.77 -4.32 -22.77
CA THR B 187 -14.09 -5.45 -23.39
C THR B 187 -14.14 -5.38 -24.90
N VAL B 188 -12.98 -5.52 -25.53
CA VAL B 188 -12.90 -5.56 -26.96
C VAL B 188 -13.12 -7.03 -27.36
N ARG B 189 -13.97 -7.25 -28.36
CA ARG B 189 -14.34 -8.59 -28.81
C ARG B 189 -13.99 -8.84 -30.27
N GLU B 190 -13.77 -10.10 -30.62
CA GLU B 190 -13.65 -10.50 -32.04
C GLU B 190 -15.02 -10.33 -32.68
N ALA B 191 -15.09 -10.53 -33.99
CA ALA B 191 -16.32 -10.27 -34.74
C ALA B 191 -17.51 -11.10 -34.26
N ASP B 192 -17.26 -12.30 -33.74
CA ASP B 192 -18.36 -13.16 -33.26
C ASP B 192 -18.70 -13.00 -31.76
N GLY B 193 -18.04 -12.05 -31.08
CA GLY B 193 -18.25 -11.78 -29.65
C GLY B 193 -17.19 -12.35 -28.69
N LEU B 194 -16.34 -13.25 -29.16
CA LEU B 194 -15.31 -13.79 -28.28
C LEU B 194 -14.44 -12.65 -27.71
N ALA B 195 -14.27 -12.60 -26.39
CA ALA B 195 -13.40 -11.57 -25.83
C ALA B 195 -11.94 -11.77 -26.30
N MET B 196 -11.32 -10.68 -26.77
CA MET B 196 -9.92 -10.74 -27.24
C MET B 196 -8.97 -11.04 -26.10
N SER B 197 -8.13 -12.03 -26.34
CA SER B 197 -7.14 -12.53 -25.40
C SER B 197 -6.07 -13.22 -26.23
N SER B 198 -4.84 -13.16 -25.74
CA SER B 198 -3.72 -13.90 -26.35
C SER B 198 -3.93 -15.42 -26.30
N ARG B 199 -4.72 -15.90 -25.35
CA ARG B 199 -5.06 -17.33 -25.28
C ARG B 199 -5.91 -17.86 -26.44
N ASN B 200 -6.62 -16.98 -27.13
CA ASN B 200 -7.50 -17.39 -28.21
C ASN B 200 -6.77 -18.14 -29.34
N ARG B 201 -5.54 -17.71 -29.62
CA ARG B 201 -4.70 -18.30 -30.69
C ARG B 201 -4.39 -19.77 -30.46
N TYR B 202 -4.46 -20.19 -29.20
CA TYR B 202 -4.17 -21.57 -28.82
C TYR B 202 -5.31 -22.51 -29.15
N LEU B 203 -6.49 -21.96 -29.46
CA LEU B 203 -7.68 -22.77 -29.69
C LEU B 203 -7.68 -23.37 -31.08
N ASP B 204 -7.90 -24.68 -31.15
CA ASP B 204 -8.08 -25.31 -32.45
C ASP B 204 -9.43 -24.93 -33.05
N PRO B 205 -9.67 -25.28 -34.32
CA PRO B 205 -10.88 -24.86 -34.98
C PRO B 205 -12.17 -25.24 -34.22
N ALA B 206 -12.26 -26.47 -33.72
CA ALA B 206 -13.41 -26.94 -32.97
C ALA B 206 -13.59 -26.12 -31.69
N GLN B 207 -12.50 -25.96 -30.94
CA GLN B 207 -12.49 -25.17 -29.73
C GLN B 207 -12.82 -23.68 -29.95
N ARG B 208 -12.31 -23.12 -31.05
CA ARG B 208 -12.54 -21.71 -31.34
C ARG B 208 -14.02 -21.49 -31.66
N ALA B 209 -14.63 -22.49 -32.29
CA ALA B 209 -16.07 -22.48 -32.61
C ALA B 209 -16.93 -22.61 -31.33
N ALA B 210 -16.61 -23.58 -30.48
CA ALA B 210 -17.29 -23.74 -29.18
C ALA B 210 -17.13 -22.53 -28.23
N ALA B 211 -16.00 -21.82 -28.33
CA ALA B 211 -15.62 -20.69 -27.46
C ALA B 211 -16.60 -19.50 -27.53
N VAL B 212 -17.28 -19.37 -28.68
CA VAL B 212 -18.28 -18.35 -28.88
C VAL B 212 -19.41 -18.48 -27.83
N ALA B 213 -19.56 -19.66 -27.25
CA ALA B 213 -20.66 -19.91 -26.29
C ALA B 213 -20.58 -19.06 -25.04
N LEU B 214 -19.36 -18.64 -24.64
CA LEU B 214 -19.23 -17.82 -23.45
C LEU B 214 -19.90 -16.45 -23.66
N SER B 215 -19.55 -15.77 -24.76
CA SER B 215 -20.11 -14.45 -25.01
C SER B 215 -21.58 -14.57 -25.38
N ALA B 216 -21.91 -15.58 -26.19
CA ALA B 216 -23.29 -15.86 -26.55
C ALA B 216 -24.17 -16.12 -25.32
N ALA B 217 -23.66 -16.92 -24.39
CA ALA B 217 -24.39 -17.20 -23.13
C ALA B 217 -24.69 -15.91 -22.34
N LEU B 218 -23.68 -15.05 -22.26
CA LEU B 218 -23.76 -13.82 -21.49
C LEU B 218 -24.67 -12.80 -22.10
N THR B 219 -24.60 -12.62 -23.41
CA THR B 219 -25.47 -11.65 -24.06
C THR B 219 -26.92 -12.15 -24.09
N ALA B 220 -27.12 -13.47 -24.17
CA ALA B 220 -28.44 -14.06 -24.04
C ALA B 220 -29.03 -13.79 -22.65
N ALA B 221 -28.20 -14.00 -21.62
CA ALA B 221 -28.59 -13.71 -20.25
C ALA B 221 -28.98 -12.24 -20.06
N ALA B 222 -28.18 -11.32 -20.62
CA ALA B 222 -28.41 -9.89 -20.47
C ALA B 222 -29.79 -9.50 -21.01
N HIS B 223 -30.19 -10.14 -22.11
CA HIS B 223 -31.53 -9.94 -22.69
C HIS B 223 -32.67 -10.76 -22.05
N ALA B 224 -32.38 -11.99 -21.61
CA ALA B 224 -33.34 -12.77 -20.83
C ALA B 224 -33.71 -12.08 -19.50
N ALA B 225 -32.81 -11.19 -19.03
CA ALA B 225 -32.90 -10.55 -17.69
C ALA B 225 -34.18 -9.72 -17.40
N THR B 226 -34.85 -9.23 -18.45
CA THR B 226 -36.16 -8.59 -18.29
C THR B 226 -37.14 -9.54 -17.60
N ALA B 227 -36.96 -10.84 -17.83
CA ALA B 227 -37.73 -11.86 -17.14
C ALA B 227 -37.19 -12.30 -15.74
N GLY B 228 -36.18 -11.59 -15.22
CA GLY B 228 -35.64 -11.86 -13.86
C GLY B 228 -34.29 -12.54 -13.81
N ALA B 229 -33.78 -12.75 -12.59
CA ALA B 229 -32.45 -13.25 -12.36
C ALA B 229 -32.31 -14.72 -12.76
N GLN B 230 -33.29 -15.53 -12.40
CA GLN B 230 -33.26 -16.95 -12.75
C GLN B 230 -33.37 -17.22 -14.27
N ALA B 231 -34.19 -16.42 -14.97
CA ALA B 231 -34.28 -16.53 -16.42
C ALA B 231 -32.95 -16.25 -17.08
N ALA B 232 -32.23 -15.23 -16.59
CA ALA B 232 -30.93 -14.86 -17.11
C ALA B 232 -29.92 -15.99 -16.92
N LEU B 233 -29.86 -16.55 -15.71
CA LEU B 233 -28.95 -17.66 -15.41
C LEU B 233 -29.25 -18.92 -16.23
N ASP B 234 -30.54 -19.23 -16.37
CA ASP B 234 -30.96 -20.38 -17.13
C ASP B 234 -30.67 -20.22 -18.64
N ALA B 235 -30.86 -19.02 -19.17
CA ALA B 235 -30.56 -18.74 -20.57
C ALA B 235 -29.05 -18.95 -20.82
N ALA B 236 -28.20 -18.42 -19.94
CA ALA B 236 -26.73 -18.58 -20.08
C ALA B 236 -26.31 -20.05 -19.99
N ARG B 237 -26.89 -20.76 -19.03
CA ARG B 237 -26.57 -22.18 -18.85
C ARG B 237 -26.98 -23.04 -20.03
N ALA B 238 -28.13 -22.72 -20.63
CA ALA B 238 -28.59 -23.44 -21.81
C ALA B 238 -27.61 -23.25 -22.96
N VAL B 239 -27.19 -22.00 -23.19
CA VAL B 239 -26.20 -21.72 -24.22
C VAL B 239 -24.87 -22.51 -23.99
N LEU B 240 -24.33 -22.44 -22.78
CA LEU B 240 -23.12 -23.25 -22.45
C LEU B 240 -23.37 -24.76 -22.60
N ASP B 241 -24.55 -25.21 -22.20
CA ASP B 241 -24.92 -26.63 -22.35
C ASP B 241 -25.02 -27.08 -23.82
N ALA B 242 -25.19 -26.14 -24.75
CA ALA B 242 -25.24 -26.47 -26.19
C ALA B 242 -23.85 -26.59 -26.85
N ALA B 243 -22.79 -26.34 -26.08
CA ALA B 243 -21.41 -26.38 -26.60
C ALA B 243 -20.67 -27.61 -26.11
N PRO B 244 -19.94 -28.27 -27.02
CA PRO B 244 -19.13 -29.43 -26.66
C PRO B 244 -17.74 -29.00 -26.21
N GLY B 245 -17.15 -29.76 -25.30
CA GLY B 245 -15.80 -29.51 -24.83
C GLY B 245 -15.60 -28.20 -24.10
N VAL B 246 -16.66 -27.66 -23.50
CA VAL B 246 -16.58 -26.43 -22.71
C VAL B 246 -16.84 -26.73 -21.23
N ALA B 247 -15.76 -26.90 -20.46
CA ALA B 247 -15.87 -27.25 -19.04
C ALA B 247 -16.03 -25.95 -18.23
N VAL B 248 -17.24 -25.66 -17.75
CA VAL B 248 -17.50 -24.44 -17.01
C VAL B 248 -16.90 -24.50 -15.59
N ASP B 249 -16.04 -23.56 -15.25
CA ASP B 249 -15.51 -23.47 -13.89
C ASP B 249 -16.50 -22.76 -12.98
N TYR B 250 -17.06 -21.63 -13.44
CA TYR B 250 -18.15 -20.98 -12.71
C TYR B 250 -18.99 -20.15 -13.65
N LEU B 251 -20.25 -19.98 -13.27
CA LEU B 251 -21.14 -19.00 -13.87
C LEU B 251 -21.87 -18.36 -12.72
N GLU B 252 -21.57 -17.09 -12.47
CA GLU B 252 -22.14 -16.44 -11.30
C GLU B 252 -22.61 -15.02 -11.59
N LEU B 253 -23.78 -14.70 -11.07
CA LEU B 253 -24.34 -13.36 -11.11
C LEU B 253 -24.16 -12.67 -9.76
N ARG B 254 -23.61 -11.46 -9.78
CA ARG B 254 -23.23 -10.76 -8.57
C ARG B 254 -23.68 -9.33 -8.72
N ASP B 255 -23.62 -8.56 -7.64
CA ASP B 255 -23.84 -7.11 -7.84
C ASP B 255 -22.62 -6.54 -8.53
N ILE B 256 -22.66 -5.26 -8.90
CA ILE B 256 -21.58 -4.72 -9.69
C ILE B 256 -20.26 -4.58 -8.93
N GLY B 257 -20.31 -4.63 -7.59
CA GLY B 257 -19.09 -4.61 -6.79
C GLY B 257 -18.70 -6.03 -6.39
N LEU B 258 -19.37 -7.00 -7.00
CA LEU B 258 -19.15 -8.46 -6.83
C LEU B 258 -19.63 -9.03 -5.50
N GLY B 259 -20.44 -8.27 -4.79
CA GLY B 259 -21.21 -8.79 -3.66
C GLY B 259 -22.38 -9.64 -4.16
N PRO B 260 -23.23 -10.10 -3.24
CA PRO B 260 -24.43 -10.86 -3.60
C PRO B 260 -25.35 -10.04 -4.51
N MET B 261 -25.91 -10.69 -5.51
CA MET B 261 -26.87 -10.02 -6.37
C MET B 261 -28.08 -9.57 -5.56
N PRO B 262 -28.40 -8.26 -5.61
CA PRO B 262 -29.64 -7.77 -5.00
C PRO B 262 -30.83 -8.27 -5.81
N LEU B 263 -32.04 -8.18 -5.25
CA LEU B 263 -33.23 -8.75 -5.88
C LEU B 263 -33.54 -8.19 -7.28
N ASN B 264 -33.26 -6.90 -7.46
CA ASN B 264 -33.30 -6.28 -8.78
C ASN B 264 -32.16 -5.28 -8.89
N GLY B 265 -32.11 -4.54 -9.99
CA GLY B 265 -31.05 -3.54 -10.18
C GLY B 265 -29.88 -4.07 -11.00
N SER B 266 -28.73 -3.45 -10.85
CA SER B 266 -27.61 -3.70 -11.73
C SER B 266 -26.76 -4.84 -11.18
N GLY B 267 -26.25 -5.68 -12.08
CA GLY B 267 -25.42 -6.79 -11.64
C GLY B 267 -24.37 -7.07 -12.69
N ARG B 268 -23.61 -8.14 -12.48
CA ARG B 268 -22.60 -8.55 -13.44
C ARG B 268 -22.67 -10.06 -13.48
N LEU B 269 -22.65 -10.62 -14.68
CA LEU B 269 -22.65 -12.08 -14.84
C LEU B 269 -21.28 -12.47 -15.33
N LEU B 270 -20.63 -13.38 -14.63
CA LEU B 270 -19.25 -13.73 -14.96
C LEU B 270 -19.19 -15.22 -15.26
N VAL B 271 -18.36 -15.58 -16.23
CA VAL B 271 -18.19 -17.00 -16.54
C VAL B 271 -16.71 -17.35 -16.67
N ALA B 272 -16.33 -18.57 -16.33
CA ALA B 272 -15.00 -19.04 -16.67
C ALA B 272 -15.11 -20.48 -17.11
N ALA B 273 -14.33 -20.86 -18.13
CA ALA B 273 -14.43 -22.21 -18.70
C ALA B 273 -13.13 -22.71 -19.30
N ARG B 274 -12.97 -24.03 -19.33
CA ARG B 274 -11.77 -24.64 -19.94
C ARG B 274 -12.11 -25.35 -21.24
N LEU B 275 -11.36 -25.04 -22.29
CA LEU B 275 -11.48 -25.69 -23.57
C LEU B 275 -10.12 -26.34 -23.78
N GLY B 276 -10.07 -27.65 -23.55
CA GLY B 276 -8.79 -28.36 -23.46
C GLY B 276 -7.93 -27.79 -22.34
N THR B 277 -6.77 -27.27 -22.68
CA THR B 277 -5.87 -26.69 -21.66
C THR B 277 -6.02 -25.16 -21.54
N THR B 278 -6.83 -24.57 -22.40
CA THR B 278 -7.01 -23.11 -22.43
C THR B 278 -8.20 -22.65 -21.59
N ARG B 279 -7.91 -21.79 -20.63
CA ARG B 279 -8.93 -21.25 -19.75
C ARG B 279 -9.33 -19.87 -20.25
N LEU B 280 -10.63 -19.70 -20.44
CA LEU B 280 -11.19 -18.47 -20.99
C LEU B 280 -12.11 -17.81 -19.96
N LEU B 281 -12.21 -16.47 -19.98
CA LEU B 281 -13.15 -15.77 -19.06
C LEU B 281 -13.98 -14.81 -19.86
N ASP B 282 -15.16 -14.48 -19.34
CA ASP B 282 -15.95 -13.38 -19.91
C ASP B 282 -16.90 -12.88 -18.83
N ASN B 283 -17.49 -11.69 -19.02
CA ASN B 283 -18.48 -11.14 -18.07
C ASN B 283 -19.27 -10.05 -18.78
N ILE B 284 -20.41 -9.69 -18.23
CA ILE B 284 -21.28 -8.69 -18.90
C ILE B 284 -22.13 -8.00 -17.85
N ALA B 285 -22.45 -6.73 -18.08
CA ALA B 285 -23.48 -6.01 -17.30
C ALA B 285 -24.84 -6.66 -17.46
N ILE B 286 -25.56 -6.74 -16.36
CA ILE B 286 -26.92 -7.27 -16.36
C ILE B 286 -27.81 -6.26 -15.60
N GLU B 287 -29.03 -6.05 -16.09
CA GLU B 287 -30.00 -5.24 -15.34
C GLU B 287 -31.16 -6.16 -15.02
N ILE B 288 -31.37 -6.44 -13.73
CA ILE B 288 -32.35 -7.45 -13.35
C ILE B 288 -33.75 -6.87 -13.31
N GLY B 289 -34.61 -7.42 -14.16
CA GLY B 289 -35.96 -6.91 -14.39
C GLY B 289 -35.90 -5.76 -15.38
#